data_5TFB
#
_entry.id   5TFB
#
_cell.length_a   40.293
_cell.length_b   40.293
_cell.length_c   141.636
_cell.angle_alpha   90.00
_cell.angle_beta   90.00
_cell.angle_gamma   90.00
#
_symmetry.space_group_name_H-M   'P 43'
#
loop_
_entity.id
_entity.type
_entity.pdbx_description
1 polymer 'Cystic fibrosis transmembrane conductance regulator'
2 non-polymer 'MAGNESIUM ION'
3 non-polymer "7-METHYL-GUANOSINE-5'-TRIPHOSPHATE"
4 water water
#
_entity_poly.entity_id   1
_entity_poly.type   'polypeptide(L)'
_entity_poly.pdbx_seq_one_letter_code
;SLTTTEVVMENVTAFWEEGGTPVLKDINFKIERGQLLAVAGSTGAGKTSLLMMIMGELEPSEGKIKHSGRISFCSQFSWI
MPGTIKENIIFGVSYDEYRYRSVIKACQLEEDISKFAEKDNIVLGEGGITLSGGQRARISLARAVYKDADLYLLDSPFGY
LDVLTEKEIFESCVCKLMANKTRILVTSKMEHLKKADKILILHEGSSYFYGTFSELQNLQPDFSSKLMG
;
_entity_poly.pdbx_strand_id   A
#
# COMPACT_ATOMS: atom_id res chain seq x y z
N THR A 5 9.43 4.64 -17.64
CA THR A 5 9.45 4.30 -16.21
C THR A 5 8.51 5.20 -15.46
N GLU A 6 7.80 4.67 -14.47
CA GLU A 6 6.93 5.53 -13.67
C GLU A 6 7.58 5.99 -12.38
N VAL A 7 8.40 5.13 -11.75
CA VAL A 7 9.09 5.50 -10.54
C VAL A 7 10.53 5.02 -10.61
N VAL A 8 11.46 5.91 -10.30
CA VAL A 8 12.87 5.56 -10.26
C VAL A 8 13.47 6.13 -8.99
N MET A 9 14.31 5.33 -8.30
CA MET A 9 15.23 5.91 -7.36
C MET A 9 16.63 5.51 -7.81
N GLU A 10 17.54 6.47 -7.79
CA GLU A 10 18.91 6.21 -8.20
C GLU A 10 19.84 6.74 -7.15
N ASN A 11 20.61 5.84 -6.49
CA ASN A 11 21.59 6.22 -5.47
C ASN A 11 21.00 7.17 -4.41
N VAL A 12 19.77 6.89 -3.98
CA VAL A 12 19.10 7.80 -3.02
C VAL A 12 19.57 7.54 -1.58
N THR A 13 20.02 8.62 -0.92
CA THR A 13 20.26 8.66 0.51
C THR A 13 19.46 9.81 1.10
N ALA A 14 18.92 9.61 2.33
CA ALA A 14 18.12 10.64 2.97
C ALA A 14 18.25 10.52 4.48
N PHE A 15 17.96 11.65 5.15
CA PHE A 15 17.99 11.82 6.61
C PHE A 15 16.71 12.51 7.08
N TRP A 16 16.17 12.05 8.19
CA TRP A 16 15.07 12.77 8.82
C TRP A 16 15.57 13.95 9.64
N GLU A 17 16.77 13.84 10.20
CA GLU A 17 17.36 14.88 11.04
C GLU A 17 18.74 15.21 10.49
N GLU A 18 18.98 16.49 10.16
CA GLU A 18 20.27 16.93 9.67
C GLU A 18 21.40 16.34 10.51
N GLY A 19 22.28 15.59 9.86
CA GLY A 19 23.37 14.96 10.57
C GLY A 19 22.95 13.91 11.58
N GLY A 20 21.79 13.27 11.41
CA GLY A 20 21.52 12.04 12.13
C GLY A 20 22.09 10.85 11.39
N THR A 21 21.48 9.64 11.65
CA THR A 21 21.79 8.46 10.84
C THR A 21 20.89 8.45 9.61
N PRO A 22 21.41 8.18 8.42
CA PRO A 22 20.55 8.20 7.23
C PRO A 22 19.44 7.17 7.36
N VAL A 23 18.23 7.55 6.95
CA VAL A 23 17.10 6.63 7.04
C VAL A 23 17.02 5.74 5.80
N LEU A 24 17.59 6.18 4.69
CA LEU A 24 17.72 5.43 3.45
C LEU A 24 19.12 5.69 2.94
N LYS A 25 19.81 4.65 2.47
CA LYS A 25 21.21 4.71 2.10
C LYS A 25 21.39 4.06 0.73
N ASP A 26 21.80 4.86 -0.28
CA ASP A 26 22.11 4.37 -1.63
C ASP A 26 21.04 3.39 -2.16
N ILE A 27 19.80 3.85 -2.18
CA ILE A 27 18.69 3.02 -2.64
C ILE A 27 18.53 3.11 -4.16
N ASN A 28 18.28 1.98 -4.83
CA ASN A 28 18.10 1.97 -6.29
C ASN A 28 16.93 1.08 -6.66
N PHE A 29 16.00 1.58 -7.49
CA PHE A 29 15.02 0.68 -8.11
C PHE A 29 14.37 1.38 -9.30
N LYS A 30 13.68 0.61 -10.13
CA LYS A 30 12.83 1.20 -11.17
C LYS A 30 11.58 0.35 -11.29
N ILE A 31 10.44 1.02 -11.45
CA ILE A 31 9.14 0.40 -11.72
C ILE A 31 8.66 0.96 -13.04
N GLU A 32 8.37 0.09 -14.00
CA GLU A 32 7.65 0.54 -15.20
C GLU A 32 6.15 0.70 -14.96
N ARG A 33 5.49 1.47 -15.83
CA ARG A 33 4.05 1.66 -15.70
C ARG A 33 3.32 0.32 -15.61
N GLY A 34 2.40 0.21 -14.64
CA GLY A 34 1.66 -1.02 -14.46
C GLY A 34 2.34 -2.12 -13.67
N GLN A 35 3.59 -1.94 -13.23
CA GLN A 35 4.24 -3.02 -12.50
C GLN A 35 3.97 -2.90 -10.99
N LEU A 36 4.31 -3.98 -10.30
CA LEU A 36 4.19 -4.12 -8.85
C LEU A 36 5.60 -4.25 -8.27
N LEU A 37 5.97 -3.32 -7.39
CA LEU A 37 7.17 -3.40 -6.55
C LEU A 37 6.78 -3.83 -5.13
N ALA A 38 7.39 -4.91 -4.63
CA ALA A 38 7.23 -5.30 -3.22
C ALA A 38 8.40 -4.71 -2.45
N VAL A 39 8.10 -4.08 -1.31
CA VAL A 39 9.11 -3.50 -0.42
C VAL A 39 9.02 -4.22 0.91
N ALA A 40 10.10 -4.90 1.33
CA ALA A 40 10.13 -5.74 2.52
C ALA A 40 11.25 -5.26 3.45
N GLY A 41 11.28 -5.76 4.67
CA GLY A 41 12.34 -5.44 5.62
C GLY A 41 11.77 -5.30 7.02
N SER A 42 12.64 -5.39 8.03
CA SER A 42 12.19 -5.42 9.41
CA SER A 42 12.21 -5.40 9.42
C SER A 42 11.74 -4.03 9.89
N THR A 43 11.22 -3.96 11.13
CA THR A 43 10.75 -2.66 11.62
C THR A 43 11.90 -1.65 11.67
N GLY A 44 11.60 -0.40 11.32
CA GLY A 44 12.59 0.66 11.23
C GLY A 44 13.50 0.57 10.02
N ALA A 45 13.27 -0.36 9.10
CA ALA A 45 14.19 -0.47 7.96
C ALA A 45 14.14 0.73 7.03
N GLY A 46 13.03 1.53 7.04
CA GLY A 46 12.89 2.65 6.13
C GLY A 46 11.78 2.54 5.08
N LYS A 47 10.87 1.56 5.19
CA LYS A 47 9.88 1.29 4.14
C LYS A 47 8.88 2.42 4.04
N THR A 48 8.29 2.82 5.17
CA THR A 48 7.36 3.95 5.13
C THR A 48 8.08 5.23 4.74
N SER A 49 9.33 5.41 5.20
CA SER A 49 10.06 6.62 4.83
C SER A 49 10.30 6.66 3.32
N LEU A 50 10.54 5.51 2.71
CA LEU A 50 10.67 5.48 1.26
C LEU A 50 9.41 5.94 0.55
N LEU A 51 8.25 5.46 1.00
CA LEU A 51 7.00 5.96 0.44
C LEU A 51 6.83 7.47 0.66
N MET A 52 7.25 7.97 1.82
CA MET A 52 7.15 9.41 2.05
C MET A 52 8.02 10.21 1.10
N MET A 53 9.17 9.69 0.74
CA MET A 53 9.98 10.38 -0.28
CA MET A 53 9.97 10.38 -0.27
C MET A 53 9.24 10.46 -1.60
N ILE A 54 8.53 9.40 -1.98
CA ILE A 54 7.76 9.46 -3.23
C ILE A 54 6.64 10.50 -3.11
N MET A 55 6.09 10.62 -1.91
CA MET A 55 5.03 11.59 -1.70
C MET A 55 5.55 13.02 -1.48
N GLY A 56 6.87 13.23 -1.58
CA GLY A 56 7.44 14.55 -1.42
C GLY A 56 7.56 15.03 -0.01
N GLU A 57 7.49 14.15 0.96
CA GLU A 57 7.56 14.56 2.35
C GLU A 57 8.95 14.38 2.93
N LEU A 58 9.88 13.85 2.14
CA LEU A 58 11.25 13.64 2.60
C LEU A 58 12.11 13.80 1.36
N GLU A 59 13.05 14.73 1.41
CA GLU A 59 13.83 15.03 0.25
C GLU A 59 15.15 14.29 0.33
N PRO A 60 15.66 13.85 -0.81
CA PRO A 60 16.95 13.17 -0.83
C PRO A 60 18.09 14.12 -0.49
N SER A 61 19.10 13.59 0.18
CA SER A 61 20.34 14.36 0.28
C SER A 61 21.35 14.00 -0.82
N GLU A 62 21.28 12.79 -1.37
CA GLU A 62 22.06 12.37 -2.54
C GLU A 62 21.07 11.65 -3.43
N GLY A 63 21.41 11.56 -4.72
CA GLY A 63 20.64 10.75 -5.64
C GLY A 63 19.50 11.50 -6.31
N LYS A 64 18.82 10.75 -7.19
CA LYS A 64 17.74 11.23 -8.04
C LYS A 64 16.46 10.40 -7.85
N ILE A 65 15.32 11.05 -8.02
CA ILE A 65 14.04 10.35 -7.95
C ILE A 65 13.13 10.86 -9.05
N LYS A 66 12.46 9.91 -9.72
CA LYS A 66 11.48 10.21 -10.75
C LYS A 66 10.12 9.66 -10.34
N HIS A 67 9.09 10.51 -10.34
CA HIS A 67 7.72 10.00 -10.45
C HIS A 67 6.81 11.14 -10.84
N SER A 68 5.71 10.82 -11.50
CA SER A 68 4.78 11.86 -11.90
C SER A 68 3.35 11.42 -11.57
N GLY A 69 2.49 12.40 -11.31
CA GLY A 69 1.07 12.12 -11.28
C GLY A 69 0.54 11.87 -9.89
N ARG A 70 -0.72 11.48 -9.88
CA ARG A 70 -1.47 11.48 -8.64
C ARG A 70 -1.16 10.20 -7.92
N ILE A 71 -1.11 10.30 -6.61
CA ILE A 71 -0.77 9.18 -5.75
C ILE A 71 -1.99 8.85 -4.93
N SER A 72 -2.23 7.56 -4.70
CA SER A 72 -3.12 7.15 -3.61
C SER A 72 -2.30 6.36 -2.58
N PHE A 73 -2.39 6.77 -1.31
CA PHE A 73 -1.59 6.16 -0.24
C PHE A 73 -2.51 5.48 0.76
N CYS A 74 -2.16 4.25 1.15
CA CYS A 74 -2.81 3.50 2.22
C CYS A 74 -1.82 3.37 3.39
N SER A 75 -2.11 4.08 4.49
CA SER A 75 -1.28 3.99 5.71
C SER A 75 -1.26 2.59 6.34
N GLN A 76 -0.12 2.21 6.99
CA GLN A 76 -0.04 0.97 7.79
C GLN A 76 -0.92 1.03 9.02
N PHE A 77 -1.42 2.23 9.38
CA PHE A 77 -2.36 2.41 10.48
C PHE A 77 -3.73 2.71 9.89
N SER A 78 -4.66 1.76 10.00
CA SER A 78 -5.98 1.95 9.42
CA SER A 78 -5.99 1.95 9.43
C SER A 78 -6.73 3.04 10.17
N TRP A 79 -7.64 3.72 9.47
CA TRP A 79 -8.37 4.76 10.16
C TRP A 79 -9.74 4.91 9.50
N ILE A 80 -10.67 5.48 10.26
CA ILE A 80 -12.00 5.74 9.72
C ILE A 80 -12.45 7.11 10.27
N MET A 81 -13.27 7.77 9.50
CA MET A 81 -13.81 9.07 9.87
C MET A 81 -15.31 8.91 10.02
N PRO A 82 -15.94 9.77 10.81
CA PRO A 82 -17.38 9.63 11.02
C PRO A 82 -18.11 9.75 9.69
N GLY A 83 -18.97 8.78 9.41
CA GLY A 83 -19.74 8.74 8.19
C GLY A 83 -20.08 7.29 7.85
N THR A 84 -20.78 7.10 6.74
CA THR A 84 -21.16 5.72 6.42
C THR A 84 -19.95 4.96 5.89
N ILE A 85 -20.08 3.62 5.80
CA ILE A 85 -18.97 2.86 5.21
C ILE A 85 -18.78 3.26 3.75
N LYS A 86 -19.88 3.56 3.03
CA LYS A 86 -19.73 4.04 1.67
C LYS A 86 -18.98 5.37 1.62
N GLU A 87 -19.34 6.33 2.51
CA GLU A 87 -18.65 7.61 2.52
C GLU A 87 -17.16 7.44 2.87
N ASN A 88 -16.84 6.49 3.75
CA ASN A 88 -15.44 6.28 4.11
C ASN A 88 -14.63 5.73 2.95
N ILE A 89 -15.27 4.95 2.10
CA ILE A 89 -14.53 4.33 1.01
C ILE A 89 -14.39 5.31 -0.13
N ILE A 90 -15.48 6.02 -0.47
CA ILE A 90 -15.44 6.98 -1.56
C ILE A 90 -14.63 8.22 -1.17
N PHE A 91 -14.73 8.60 0.11
CA PHE A 91 -13.92 9.65 0.75
C PHE A 91 -13.74 10.86 -0.17
N GLY A 92 -14.88 11.43 -0.59
CA GLY A 92 -14.87 12.67 -1.33
C GLY A 92 -14.64 12.57 -2.82
N VAL A 93 -14.36 11.39 -3.34
CA VAL A 93 -14.19 11.16 -4.77
C VAL A 93 -15.58 10.98 -5.35
N SER A 94 -15.81 11.30 -6.62
CA SER A 94 -17.13 11.08 -7.19
C SER A 94 -17.51 9.59 -7.15
N TYR A 95 -18.80 9.33 -7.04
CA TYR A 95 -19.31 7.98 -6.84
C TYR A 95 -19.61 7.32 -8.16
N ASP A 96 -19.29 6.04 -8.24
CA ASP A 96 -19.77 5.23 -9.35
C ASP A 96 -20.11 3.85 -8.80
N GLU A 97 -21.34 3.38 -9.04
CA GLU A 97 -21.78 2.14 -8.42
C GLU A 97 -20.88 0.97 -8.82
N TYR A 98 -20.58 0.82 -10.11
CA TYR A 98 -19.82 -0.34 -10.56
C TYR A 98 -18.43 -0.33 -9.93
N ARG A 99 -17.77 0.81 -9.99
CA ARG A 99 -16.42 0.92 -9.40
C ARG A 99 -16.45 0.61 -7.91
N TYR A 100 -17.35 1.26 -7.17
CA TYR A 100 -17.51 1.01 -5.72
C TYR A 100 -17.76 -0.47 -5.43
N ARG A 101 -18.70 -1.09 -6.15
CA ARG A 101 -19.00 -2.48 -5.86
C ARG A 101 -17.81 -3.38 -6.18
N SER A 102 -17.06 -3.04 -7.23
CA SER A 102 -15.92 -3.87 -7.60
C SER A 102 -14.89 -3.86 -6.49
N VAL A 103 -14.68 -2.68 -5.91
CA VAL A 103 -13.71 -2.50 -4.83
C VAL A 103 -14.18 -3.25 -3.59
N ILE A 104 -15.45 -3.08 -3.20
CA ILE A 104 -15.79 -3.76 -1.97
C ILE A 104 -15.80 -5.27 -2.15
N LYS A 105 -16.14 -5.81 -3.35
CA LYS A 105 -16.02 -7.26 -3.53
C LYS A 105 -14.56 -7.71 -3.43
N ALA A 106 -13.66 -6.94 -4.05
CA ALA A 106 -12.23 -7.29 -4.07
C ALA A 106 -11.65 -7.26 -2.67
N CYS A 107 -12.25 -6.44 -1.78
CA CYS A 107 -11.80 -6.30 -0.40
C CYS A 107 -12.58 -7.18 0.57
N GLN A 108 -13.45 -8.06 0.08
CA GLN A 108 -14.30 -8.97 0.90
C GLN A 108 -15.24 -8.22 1.84
N LEU A 109 -15.52 -6.94 1.56
CA LEU A 109 -16.42 -6.15 2.40
C LEU A 109 -17.89 -6.38 2.10
N GLU A 110 -18.22 -6.99 0.96
CA GLU A 110 -19.63 -7.23 0.64
C GLU A 110 -20.28 -8.14 1.69
N GLU A 111 -19.56 -9.19 2.11
CA GLU A 111 -20.00 -10.05 3.20
C GLU A 111 -20.31 -9.27 4.48
N ASP A 112 -19.36 -8.45 4.93
CA ASP A 112 -19.62 -7.66 6.14
C ASP A 112 -20.85 -6.77 5.93
N ILE A 113 -20.87 -6.04 4.83
CA ILE A 113 -21.93 -5.04 4.65
C ILE A 113 -23.30 -5.70 4.53
N SER A 114 -23.39 -6.85 3.86
CA SER A 114 -24.69 -7.52 3.72
C SER A 114 -25.34 -7.87 5.05
N LYS A 115 -24.59 -7.95 6.14
CA LYS A 115 -25.18 -8.35 7.41
C LYS A 115 -25.80 -7.19 8.20
N PHE A 116 -25.56 -5.94 7.81
CA PHE A 116 -26.21 -4.78 8.43
C PHE A 116 -27.51 -4.40 7.73
N ALA A 117 -28.54 -4.07 8.52
CA ALA A 117 -29.82 -3.69 7.93
C ALA A 117 -29.67 -2.41 7.13
N GLU A 118 -28.73 -1.54 7.55
CA GLU A 118 -28.50 -0.34 6.81
C GLU A 118 -27.55 -0.55 5.65
N LYS A 119 -26.97 -1.75 5.51
CA LYS A 119 -26.14 -2.06 4.32
C LYS A 119 -25.04 -0.98 4.27
N ASP A 120 -24.76 -0.42 3.09
CA ASP A 120 -23.66 0.53 2.87
C ASP A 120 -23.84 1.84 3.62
N ASN A 121 -25.04 2.11 4.15
CA ASN A 121 -25.27 3.30 4.95
C ASN A 121 -25.04 3.10 6.43
N ILE A 122 -24.50 1.94 6.85
CA ILE A 122 -24.15 1.78 8.26
C ILE A 122 -23.17 2.89 8.64
N VAL A 123 -23.36 3.48 9.82
CA VAL A 123 -22.55 4.63 10.25
C VAL A 123 -21.39 4.18 11.10
N LEU A 124 -20.19 4.64 10.75
CA LEU A 124 -18.95 4.28 11.42
C LEU A 124 -18.44 5.50 12.17
N GLY A 125 -17.58 5.26 13.16
CA GLY A 125 -16.82 6.39 13.63
C GLY A 125 -17.62 7.36 14.48
N GLU A 126 -18.81 6.96 14.92
CA GLU A 126 -19.67 7.85 15.68
C GLU A 126 -20.18 7.19 16.94
N GLY A 127 -19.51 6.14 17.42
CA GLY A 127 -19.88 5.42 18.64
C GLY A 127 -20.95 4.36 18.48
N GLY A 128 -21.46 4.11 17.29
CA GLY A 128 -22.32 2.94 17.13
C GLY A 128 -21.46 1.70 16.97
N ILE A 129 -21.40 1.19 15.75
CA ILE A 129 -20.56 0.06 15.40
C ILE A 129 -19.11 0.29 15.87
N THR A 130 -18.54 -0.70 16.55
CA THR A 130 -17.10 -0.74 16.74
C THR A 130 -16.55 -1.78 15.78
N LEU A 131 -15.74 -1.35 14.81
CA LEU A 131 -15.21 -2.29 13.84
C LEU A 131 -14.03 -3.09 14.40
N SER A 132 -13.84 -4.29 13.84
CA SER A 132 -12.63 -5.05 14.15
C SER A 132 -11.43 -4.44 13.45
N GLY A 133 -10.22 -4.85 13.89
CA GLY A 133 -9.02 -4.33 13.25
C GLY A 133 -8.99 -4.71 11.78
N GLY A 134 -9.45 -5.93 11.48
CA GLY A 134 -9.43 -6.43 10.11
C GLY A 134 -10.43 -5.72 9.25
N GLN A 135 -11.61 -5.44 9.81
CA GLN A 135 -12.58 -4.62 9.09
C GLN A 135 -12.02 -3.24 8.80
N ARG A 136 -11.40 -2.58 9.79
CA ARG A 136 -10.87 -1.24 9.56
C ARG A 136 -9.74 -1.29 8.53
N ALA A 137 -8.94 -2.33 8.54
CA ALA A 137 -7.89 -2.44 7.52
C ALA A 137 -8.47 -2.59 6.12
N ARG A 138 -9.49 -3.45 5.97
CA ARG A 138 -10.04 -3.63 4.61
C ARG A 138 -10.75 -2.34 4.14
N ILE A 139 -11.39 -1.62 5.05
CA ILE A 139 -12.01 -0.34 4.63
C ILE A 139 -10.94 0.65 4.20
N SER A 140 -9.84 0.73 4.97
CA SER A 140 -8.76 1.65 4.58
C SER A 140 -8.16 1.27 3.23
N LEU A 141 -7.96 -0.02 3.00
CA LEU A 141 -7.44 -0.43 1.69
C LEU A 141 -8.42 -0.04 0.60
N ALA A 142 -9.70 -0.39 0.81
CA ALA A 142 -10.70 -0.05 -0.20
C ALA A 142 -10.73 1.43 -0.50
N ARG A 143 -10.67 2.29 0.52
CA ARG A 143 -10.57 3.74 0.29
C ARG A 143 -9.42 4.08 -0.68
N ALA A 144 -8.24 3.51 -0.43
CA ALA A 144 -7.07 3.86 -1.23
C ALA A 144 -7.20 3.33 -2.66
N VAL A 145 -7.83 2.17 -2.82
CA VAL A 145 -7.96 1.55 -4.13
C VAL A 145 -9.06 2.22 -4.96
N TYR A 146 -10.09 2.77 -4.28
CA TYR A 146 -11.21 3.41 -4.99
C TYR A 146 -10.74 4.70 -5.66
N LYS A 147 -9.84 5.41 -5.02
CA LYS A 147 -9.31 6.66 -5.57
C LYS A 147 -8.62 6.41 -6.90
N ASP A 148 -8.88 7.26 -7.89
CA ASP A 148 -8.16 7.08 -9.14
C ASP A 148 -6.79 7.78 -9.07
N ALA A 149 -5.75 7.03 -9.39
CA ALA A 149 -4.40 7.57 -9.21
C ALA A 149 -3.48 6.95 -10.24
N ASP A 150 -2.34 7.60 -10.49
CA ASP A 150 -1.32 6.93 -11.33
C ASP A 150 -0.42 5.98 -10.55
N LEU A 151 -0.30 6.17 -9.25
CA LEU A 151 0.59 5.35 -8.44
C LEU A 151 -0.07 5.04 -7.10
N TYR A 152 -0.13 3.75 -6.73
CA TYR A 152 -0.75 3.31 -5.49
C TYR A 152 0.34 2.88 -4.52
N LEU A 153 0.40 3.52 -3.34
CA LEU A 153 1.43 3.22 -2.34
C LEU A 153 0.68 2.56 -1.19
N LEU A 154 0.81 1.21 -1.08
CA LEU A 154 0.03 0.44 -0.13
C LEU A 154 0.97 0.00 0.99
N ASP A 155 0.94 0.69 2.12
CA ASP A 155 1.90 0.47 3.21
C ASP A 155 1.34 -0.58 4.18
N SER A 156 1.77 -1.83 4.03
CA SER A 156 1.38 -2.92 4.93
CA SER A 156 1.38 -2.92 4.93
C SER A 156 -0.13 -2.92 5.20
N PRO A 157 -0.95 -3.07 4.16
CA PRO A 157 -2.38 -2.81 4.29
C PRO A 157 -3.22 -3.94 4.85
N PHE A 158 -2.61 -5.09 5.18
CA PHE A 158 -3.32 -6.30 5.51
C PHE A 158 -3.32 -6.58 7.00
N GLY A 159 -3.34 -5.50 7.79
CA GLY A 159 -3.22 -5.61 9.22
C GLY A 159 -4.44 -6.33 9.77
N TYR A 160 -4.18 -7.25 10.70
CA TYR A 160 -5.20 -8.00 11.44
C TYR A 160 -5.85 -9.10 10.63
N LEU A 161 -5.47 -9.35 9.38
CA LEU A 161 -6.08 -10.38 8.57
C LEU A 161 -5.37 -11.71 8.78
N ASP A 162 -6.13 -12.79 8.82
CA ASP A 162 -5.51 -14.12 8.85
C ASP A 162 -4.83 -14.40 7.51
N VAL A 163 -3.94 -15.40 7.48
CA VAL A 163 -3.08 -15.49 6.30
C VAL A 163 -3.87 -15.86 5.06
N LEU A 164 -4.96 -16.64 5.15
CA LEU A 164 -5.68 -16.96 3.92
C LEU A 164 -6.51 -15.77 3.40
N THR A 165 -7.13 -15.00 4.29
CA THR A 165 -7.84 -13.81 3.82
C THR A 165 -6.87 -12.81 3.17
N GLU A 166 -5.69 -12.65 3.77
CA GLU A 166 -4.64 -11.80 3.18
C GLU A 166 -4.25 -12.26 1.79
N LYS A 167 -3.99 -13.55 1.63
CA LYS A 167 -3.71 -14.10 0.30
C LYS A 167 -4.85 -13.83 -0.68
N GLU A 168 -6.09 -14.04 -0.25
CA GLU A 168 -7.19 -13.89 -1.20
C GLU A 168 -7.34 -12.44 -1.67
N ILE A 169 -7.24 -11.49 -0.74
CA ILE A 169 -7.37 -10.07 -1.06
C ILE A 169 -6.16 -9.57 -1.85
N PHE A 170 -4.95 -10.03 -1.48
CA PHE A 170 -3.81 -9.73 -2.34
C PHE A 170 -4.12 -10.13 -3.79
N GLU A 171 -4.70 -11.31 -4.01
CA GLU A 171 -4.96 -11.79 -5.36
C GLU A 171 -6.15 -11.06 -6.00
N SER A 172 -7.26 -10.89 -5.29
CA SER A 172 -8.40 -10.26 -5.94
C SER A 172 -8.22 -8.75 -6.09
N CYS A 173 -7.54 -8.09 -5.14
CA CYS A 173 -7.46 -6.63 -5.13
C CYS A 173 -6.15 -6.17 -5.76
N VAL A 174 -5.02 -6.58 -5.21
CA VAL A 174 -3.78 -6.01 -5.70
C VAL A 174 -3.36 -6.59 -7.04
N CYS A 175 -3.62 -7.88 -7.31
CA CYS A 175 -3.19 -8.51 -8.57
C CYS A 175 -4.26 -8.45 -9.66
N LYS A 176 -5.52 -8.60 -9.32
CA LYS A 176 -6.54 -8.65 -10.39
C LYS A 176 -7.20 -7.30 -10.59
N LEU A 177 -7.84 -6.77 -9.56
CA LEU A 177 -8.55 -5.52 -9.75
C LEU A 177 -7.60 -4.42 -10.17
N MET A 178 -6.38 -4.42 -9.63
CA MET A 178 -5.39 -3.37 -9.88
C MET A 178 -4.34 -3.77 -10.92
N ALA A 179 -4.62 -4.79 -11.73
CA ALA A 179 -3.62 -5.34 -12.65
C ALA A 179 -2.98 -4.31 -13.56
N ASN A 180 -3.66 -3.23 -13.89
CA ASN A 180 -3.02 -2.38 -14.89
C ASN A 180 -2.33 -1.15 -14.29
N LYS A 181 -2.15 -1.12 -12.97
CA LYS A 181 -1.87 0.11 -12.25
C LYS A 181 -0.48 -0.02 -11.64
N THR A 182 0.22 1.10 -11.53
CA THR A 182 1.55 1.03 -10.92
C THR A 182 1.38 0.96 -9.41
N ARG A 183 1.97 -0.03 -8.78
CA ARG A 183 1.74 -0.33 -7.37
C ARG A 183 3.06 -0.49 -6.63
N ILE A 184 3.15 0.09 -5.43
CA ILE A 184 4.23 -0.28 -4.52
C ILE A 184 3.55 -0.78 -3.28
N LEU A 185 3.81 -2.03 -2.93
CA LEU A 185 3.20 -2.68 -1.79
C LEU A 185 4.29 -2.97 -0.74
N VAL A 186 4.13 -2.43 0.47
CA VAL A 186 5.06 -2.80 1.56
C VAL A 186 4.50 -4.06 2.18
N THR A 187 5.26 -5.16 2.11
CA THR A 187 4.75 -6.45 2.50
C THR A 187 5.97 -7.36 2.74
N SER A 188 5.83 -8.34 3.61
CA SER A 188 6.88 -9.33 3.89
CA SER A 188 6.92 -9.30 3.78
C SER A 188 6.58 -10.71 3.32
N LYS A 189 5.37 -10.94 2.81
CA LYS A 189 4.86 -12.30 2.56
C LYS A 189 5.42 -12.90 1.30
N MET A 190 5.83 -14.17 1.39
CA MET A 190 6.50 -14.81 0.26
C MET A 190 5.71 -14.72 -1.04
N GLU A 191 4.40 -15.04 -1.03
CA GLU A 191 3.68 -15.05 -2.31
C GLU A 191 3.63 -13.64 -2.95
N HIS A 192 3.59 -12.59 -2.12
CA HIS A 192 3.57 -11.25 -2.66
C HIS A 192 4.89 -10.91 -3.31
N LEU A 193 6.00 -11.31 -2.68
CA LEU A 193 7.29 -11.08 -3.29
C LEU A 193 7.42 -11.88 -4.57
N LYS A 194 6.87 -13.09 -4.60
CA LYS A 194 6.97 -13.95 -5.77
C LYS A 194 6.19 -13.39 -6.95
N LYS A 195 5.03 -12.78 -6.70
CA LYS A 195 4.21 -12.22 -7.76
C LYS A 195 4.64 -10.83 -8.21
N ALA A 196 5.45 -10.14 -7.43
CA ALA A 196 5.86 -8.80 -7.80
C ALA A 196 6.82 -8.85 -8.99
N ASP A 197 6.81 -7.74 -9.78
CA ASP A 197 7.77 -7.56 -10.86
C ASP A 197 9.16 -7.34 -10.33
N LYS A 198 9.28 -6.63 -9.20
CA LYS A 198 10.57 -6.51 -8.54
C LYS A 198 10.34 -6.51 -7.05
N ILE A 199 11.43 -6.72 -6.33
CA ILE A 199 11.45 -6.82 -4.87
C ILE A 199 12.58 -5.94 -4.40
N LEU A 200 12.31 -5.09 -3.41
CA LEU A 200 13.34 -4.34 -2.69
C LEU A 200 13.24 -4.72 -1.23
N ILE A 201 14.28 -5.34 -0.68
CA ILE A 201 14.34 -5.64 0.75
C ILE A 201 15.27 -4.62 1.38
N LEU A 202 14.75 -3.89 2.36
CA LEU A 202 15.52 -2.89 3.10
C LEU A 202 16.01 -3.46 4.42
N HIS A 203 17.18 -3.01 4.86
CA HIS A 203 17.65 -3.37 6.20
C HIS A 203 18.42 -2.19 6.76
N GLU A 204 17.90 -1.61 7.84
CA GLU A 204 18.51 -0.44 8.46
C GLU A 204 18.88 0.62 7.41
N GLY A 205 17.93 0.91 6.51
CA GLY A 205 18.15 1.95 5.54
C GLY A 205 18.78 1.50 4.24
N SER A 206 19.53 0.36 4.24
CA SER A 206 20.27 -0.09 3.07
C SER A 206 19.47 -1.10 2.25
N SER A 207 19.89 -1.25 0.98
CA SER A 207 19.34 -2.28 0.07
C SER A 207 19.96 -3.64 0.40
N TYR A 208 19.20 -4.47 1.10
CA TYR A 208 19.61 -5.83 1.40
C TYR A 208 19.56 -6.71 0.15
N PHE A 209 18.56 -6.46 -0.70
CA PHE A 209 18.41 -7.21 -1.95
C PHE A 209 17.54 -6.38 -2.88
N TYR A 210 17.91 -6.33 -4.13
CA TYR A 210 16.99 -5.77 -5.11
C TYR A 210 17.07 -6.61 -6.37
N GLY A 211 15.93 -7.09 -6.85
CA GLY A 211 15.94 -7.98 -8.02
C GLY A 211 14.59 -8.68 -8.06
N THR A 212 14.57 -9.85 -8.67
CA THR A 212 13.31 -10.60 -8.69
C THR A 212 13.37 -11.78 -7.73
N PHE A 213 12.18 -12.33 -7.42
CA PHE A 213 12.10 -13.54 -6.60
C PHE A 213 12.87 -14.71 -7.25
N SER A 214 12.77 -14.86 -8.57
CA SER A 214 13.53 -15.87 -9.32
C SER A 214 15.03 -15.70 -9.10
N GLU A 215 15.51 -14.46 -9.24
CA GLU A 215 16.93 -14.20 -9.02
C GLU A 215 17.35 -14.61 -7.63
N LEU A 216 16.53 -14.28 -6.62
CA LEU A 216 16.86 -14.66 -5.25
C LEU A 216 16.87 -16.18 -5.09
N GLN A 217 15.92 -16.87 -5.71
CA GLN A 217 15.92 -18.33 -5.63
C GLN A 217 17.21 -18.91 -6.22
N ASN A 218 17.71 -18.31 -7.31
CA ASN A 218 18.93 -18.80 -7.96
C ASN A 218 20.17 -18.58 -7.15
N LEU A 219 20.10 -17.76 -6.12
CA LEU A 219 21.22 -17.55 -5.24
C LEU A 219 21.27 -18.65 -4.18
#